data_4PX7
#
_entry.id   4PX7
#
_cell.length_a   36.715
_cell.length_b   73.667
_cell.length_c   131.200
_cell.angle_alpha   90.00
_cell.angle_beta   90.00
_cell.angle_gamma   90.00
#
_symmetry.space_group_name_H-M   'P 21 21 21'
#
loop_
_entity.id
_entity.type
_entity.pdbx_description
1 polymer Phosphatidylglycerophosphatase
2 non-polymer 'LAURYL DIMETHYLAMINE-N-OXIDE'
3 non-polymer GLYCEROL
#
_entity_poly.entity_id   1
_entity_poly.type   'polypeptide(L)'
_entity_poly.pdbx_seq_one_letter_code
;GRSIARRTAVGAALLLV(MSE)PVAVWISGWRWQPGEQSWLLKAAFWVTETVTQPWGVITHLILFGWFLWCLRFRIKAAF
VLFAILAAAILVGQGVKSWIKDKVQEPRPFVIWLEKTHH(MSE)PVDKFYTLKRAERGNLVKEQLAEEKNIPQYLRSHWQ
KETGFAFPSGHT(MSE)FAASWALLAVGLLWPRRRTLTIAILLVWATGV(MSE)GSRLLLG(MSE)HWPRDLVVATLISW
ALVAVATWLAQRICGPLTPPAEENREIAQREQESLEHHHHHH
;
_entity_poly.pdbx_strand_id   A
#
loop_
_chem_comp.id
_chem_comp.type
_chem_comp.name
_chem_comp.formula
GOL non-polymer GLYCEROL 'C3 H8 O3'
LDA non-polymer 'LAURYL DIMETHYLAMINE-N-OXIDE' 'C14 H31 N O'
#
# COMPACT_ATOMS: atom_id res chain seq x y z
N GLY A 1 7.17 23.29 -11.15
CA GLY A 1 6.71 22.65 -12.37
C GLY A 1 6.67 21.14 -12.23
N ARG A 2 7.62 20.46 -12.88
CA ARG A 2 7.76 19.02 -12.78
C ARG A 2 8.09 18.54 -11.36
N SER A 3 8.34 19.49 -10.45
CA SER A 3 8.84 19.21 -9.09
C SER A 3 8.08 18.10 -8.36
N ILE A 4 6.76 18.10 -8.48
CA ILE A 4 5.92 17.05 -7.88
C ILE A 4 6.46 15.70 -8.29
N ALA A 5 6.46 15.49 -9.60
CA ALA A 5 6.97 14.28 -10.23
C ALA A 5 8.39 13.94 -9.79
N ARG A 6 9.20 14.95 -9.46
CA ARG A 6 10.50 14.67 -8.86
C ARG A 6 10.29 14.00 -7.51
N ARG A 7 9.67 14.74 -6.59
CA ARG A 7 9.39 14.24 -5.25
C ARG A 7 8.72 12.87 -5.25
N THR A 8 7.57 12.77 -5.93
CA THR A 8 6.91 11.46 -6.12
C THR A 8 7.94 10.38 -6.44
N ALA A 9 8.69 10.55 -7.54
CA ALA A 9 9.78 9.64 -7.92
C ALA A 9 10.66 9.28 -6.71
N VAL A 10 11.29 10.31 -6.12
CA VAL A 10 12.14 10.11 -4.95
C VAL A 10 11.41 9.26 -3.93
N GLY A 11 10.20 9.68 -3.56
CA GLY A 11 9.34 8.92 -2.68
C GLY A 11 9.29 7.42 -2.99
N ALA A 12 8.87 7.07 -4.20
CA ALA A 12 8.86 5.68 -4.67
C ALA A 12 10.17 4.99 -4.33
N ALA A 13 11.25 5.58 -4.83
CA ALA A 13 12.60 5.08 -4.63
C ALA A 13 12.83 4.83 -3.14
N LEU A 14 12.52 5.82 -2.30
CA LEU A 14 12.66 5.67 -0.87
C LEU A 14 11.88 4.47 -0.35
N LEU A 15 10.61 4.39 -0.74
CA LEU A 15 9.78 3.29 -0.29
C LEU A 15 10.19 1.98 -0.94
N LEU A 16 10.93 2.04 -2.04
CA LEU A 16 11.48 0.84 -2.65
C LEU A 16 12.67 0.33 -1.85
N VAL A 17 13.17 1.15 -0.93
CA VAL A 17 14.40 0.81 -0.23
C VAL A 17 14.28 -0.47 0.56
N MSE A 18 13.41 -0.50 1.56
CA MSE A 18 13.26 -1.68 2.42
C MSE A 18 13.00 -3.01 1.69
O MSE A 18 13.68 -4.00 1.95
CB MSE A 18 12.23 -1.44 3.53
CG MSE A 18 12.06 -2.60 4.51
SE MSE A 18 10.61 -3.84 4.06
CE MSE A 18 10.58 -4.89 5.71
N PRO A 19 12.01 -3.05 0.77
CA PRO A 19 11.66 -4.34 0.15
C PRO A 19 12.73 -4.87 -0.79
N VAL A 20 13.38 -4.02 -1.58
CA VAL A 20 14.46 -4.45 -2.45
C VAL A 20 15.58 -4.99 -1.58
N ALA A 21 15.79 -4.33 -0.45
CA ALA A 21 16.78 -4.80 0.53
C ALA A 21 16.43 -6.21 0.98
N VAL A 22 15.20 -6.36 1.45
CA VAL A 22 14.69 -7.66 1.83
C VAL A 22 14.74 -8.63 0.65
N TRP A 23 14.17 -8.25 -0.49
CA TRP A 23 14.16 -9.08 -1.70
C TRP A 23 15.51 -9.71 -2.01
N ILE A 24 16.56 -8.89 -1.99
CA ILE A 24 17.92 -9.35 -2.22
C ILE A 24 18.34 -10.31 -1.10
N SER A 25 18.13 -9.90 0.15
CA SER A 25 18.36 -10.78 1.29
C SER A 25 17.54 -12.06 1.14
N GLY A 26 18.07 -13.17 1.65
CA GLY A 26 17.42 -14.44 1.43
C GLY A 26 16.39 -14.82 2.49
N TRP A 27 15.84 -13.83 3.19
CA TRP A 27 14.96 -14.11 4.31
C TRP A 27 13.75 -14.98 3.96
N ARG A 28 13.32 -15.79 4.91
CA ARG A 28 12.14 -16.63 4.75
C ARG A 28 11.26 -16.47 5.99
N TRP A 29 9.97 -16.74 5.86
CA TRP A 29 9.09 -16.69 7.02
C TRP A 29 8.99 -18.08 7.72
N GLN A 30 8.47 -18.10 8.94
CA GLN A 30 8.29 -19.34 9.71
C GLN A 30 7.60 -18.97 11.03
N PRO A 31 7.31 -19.93 11.92
CA PRO A 31 6.63 -19.47 13.15
C PRO A 31 7.55 -18.59 14.01
N GLY A 32 7.03 -18.09 15.14
CA GLY A 32 7.81 -17.25 16.04
C GLY A 32 7.75 -17.78 17.47
N SER A 35 6.37 -14.04 19.22
CA SER A 35 4.99 -14.53 19.24
C SER A 35 3.99 -13.37 19.26
N TRP A 36 4.42 -12.21 19.71
CA TRP A 36 3.53 -11.06 19.88
C TRP A 36 3.51 -10.12 18.68
N LEU A 37 4.48 -10.27 17.78
CA LEU A 37 4.59 -9.41 16.61
C LEU A 37 3.41 -9.55 15.67
N LEU A 38 2.96 -10.80 15.49
CA LEU A 38 1.86 -11.12 14.61
C LEU A 38 0.64 -10.23 14.87
N LYS A 39 0.43 -9.93 16.15
CA LYS A 39 -0.71 -9.12 16.57
C LYS A 39 -0.56 -7.67 16.13
N ALA A 40 0.63 -7.10 16.28
CA ALA A 40 0.88 -5.71 15.90
C ALA A 40 0.84 -5.54 14.39
N ALA A 41 1.47 -6.48 13.69
CA ALA A 41 1.44 -6.49 12.24
C ALA A 41 -0.01 -6.66 11.77
N PHE A 42 -0.77 -7.46 12.48
CA PHE A 42 -2.16 -7.65 12.12
C PHE A 42 -2.98 -6.37 12.37
N TRP A 43 -2.58 -5.59 13.36
CA TRP A 43 -3.22 -4.30 13.59
C TRP A 43 -2.93 -3.38 12.40
N VAL A 44 -1.63 -3.23 12.10
CA VAL A 44 -1.19 -2.43 10.96
C VAL A 44 -1.89 -2.81 9.65
N THR A 45 -1.97 -4.10 9.32
CA THR A 45 -2.67 -4.52 8.10
C THR A 45 -4.18 -4.27 8.21
N GLU A 46 -4.70 -4.38 9.42
CA GLU A 46 -6.13 -4.14 9.64
C GLU A 46 -6.52 -2.67 9.48
N THR A 47 -5.54 -1.76 9.55
CA THR A 47 -5.80 -0.35 9.27
C THR A 47 -6.00 -0.07 7.78
N VAL A 48 -5.74 -1.10 6.97
CA VAL A 48 -5.86 -0.99 5.52
C VAL A 48 -6.90 -2.01 5.00
N THR A 49 -7.24 -3.01 5.82
CA THR A 49 -8.12 -4.10 5.36
C THR A 49 -9.51 -3.68 4.86
N GLN A 50 -10.13 -2.68 5.49
CA GLN A 50 -11.55 -2.39 5.24
C GLN A 50 -12.39 -3.65 5.45
N PRO A 51 -12.65 -4.01 6.73
CA PRO A 51 -12.92 -3.25 7.97
C PRO A 51 -11.94 -2.17 8.43
N TRP A 52 -12.50 -1.00 8.76
CA TRP A 52 -11.79 0.10 9.38
C TRP A 52 -10.32 0.26 8.96
N GLY A 53 -10.11 0.94 7.84
CA GLY A 53 -11.20 1.40 6.99
C GLY A 53 -10.62 2.12 5.78
N VAL A 54 -11.38 2.93 5.05
CA VAL A 54 -12.76 3.39 5.32
C VAL A 54 -12.87 4.27 6.58
N ILE A 55 -11.77 4.38 7.31
CA ILE A 55 -11.68 5.28 8.44
C ILE A 55 -10.41 6.05 8.19
N THR A 56 -9.32 5.30 8.13
CA THR A 56 -8.02 5.83 7.78
C THR A 56 -8.16 6.51 6.43
N HIS A 57 -8.78 5.81 5.49
CA HIS A 57 -8.92 6.30 4.13
C HIS A 57 -9.68 7.63 4.02
N LEU A 58 -10.81 7.73 4.73
CA LEU A 58 -11.60 8.95 4.71
C LEU A 58 -10.92 10.09 5.44
N ILE A 59 -10.35 9.80 6.60
CA ILE A 59 -9.63 10.82 7.36
C ILE A 59 -8.48 11.41 6.55
N LEU A 60 -7.65 10.52 6.00
CA LEU A 60 -6.58 10.92 5.08
C LEU A 60 -7.12 11.72 3.90
N PHE A 61 -8.28 11.31 3.37
CA PHE A 61 -8.95 11.96 2.27
C PHE A 61 -9.26 13.42 2.60
N GLY A 62 -10.07 13.61 3.63
CA GLY A 62 -10.49 14.93 4.05
C GLY A 62 -9.32 15.79 4.48
N TRP A 63 -8.43 15.22 5.28
CA TRP A 63 -7.24 15.92 5.74
C TRP A 63 -6.44 16.44 4.55
N PHE A 64 -6.25 15.57 3.57
CA PHE A 64 -5.55 15.91 2.35
C PHE A 64 -6.26 17.09 1.70
N LEU A 65 -7.58 16.99 1.59
CA LEU A 65 -8.37 18.10 1.08
C LEU A 65 -8.11 19.42 1.82
N TRP A 66 -7.91 19.38 3.14
CA TRP A 66 -7.52 20.60 3.84
C TRP A 66 -6.18 21.07 3.32
N CYS A 67 -5.18 20.20 3.36
CA CYS A 67 -3.87 20.61 2.91
C CYS A 67 -3.88 20.92 1.42
N LEU A 68 -4.88 20.38 0.74
CA LEU A 68 -5.01 20.56 -0.70
C LEU A 68 -5.84 21.78 -1.07
N ARG A 69 -6.17 22.60 -0.09
CA ARG A 69 -6.97 23.79 -0.32
C ARG A 69 -6.41 24.62 -1.47
N PHE A 70 -6.88 25.85 -1.59
CA PHE A 70 -6.42 26.75 -2.66
C PHE A 70 -6.53 26.08 -4.03
N ARG A 71 -5.57 25.21 -4.34
CA ARG A 71 -5.60 24.48 -5.61
C ARG A 71 -6.57 23.31 -5.60
N ILE A 72 -7.44 23.31 -4.60
CA ILE A 72 -8.41 22.27 -4.35
C ILE A 72 -9.23 21.88 -5.58
N LYS A 73 -9.34 22.80 -6.53
CA LYS A 73 -10.02 22.54 -7.80
C LYS A 73 -9.50 21.26 -8.48
N ALA A 74 -8.19 21.06 -8.44
CA ALA A 74 -7.60 19.87 -9.03
C ALA A 74 -7.61 18.70 -8.05
N ALA A 75 -7.60 19.03 -6.76
CA ALA A 75 -7.55 18.05 -5.69
C ALA A 75 -8.71 17.06 -5.80
N PHE A 76 -9.92 17.60 -5.95
CA PHE A 76 -11.09 16.76 -6.19
C PHE A 76 -10.89 15.92 -7.45
N VAL A 77 -10.48 16.59 -8.53
CA VAL A 77 -10.21 15.90 -9.77
C VAL A 77 -9.27 14.74 -9.46
N LEU A 78 -8.22 15.03 -8.71
CA LEU A 78 -7.23 14.03 -8.34
C LEU A 78 -7.85 12.83 -7.62
N PHE A 79 -8.68 13.11 -6.61
CA PHE A 79 -9.28 12.04 -5.83
C PHE A 79 -10.34 11.31 -6.64
N ALA A 80 -10.76 11.92 -7.75
CA ALA A 80 -11.69 11.25 -8.64
C ALA A 80 -10.91 10.24 -9.48
N ILE A 81 -9.80 10.72 -10.06
CA ILE A 81 -8.95 9.87 -10.88
C ILE A 81 -8.53 8.65 -10.07
N LEU A 82 -8.01 8.89 -8.88
CA LEU A 82 -7.62 7.80 -7.98
C LEU A 82 -8.79 6.85 -7.79
N ALA A 83 -9.97 7.41 -7.51
CA ALA A 83 -11.17 6.61 -7.36
C ALA A 83 -11.42 5.80 -8.62
N ALA A 84 -11.28 6.44 -9.77
CA ALA A 84 -11.50 5.76 -11.05
C ALA A 84 -10.63 4.51 -11.13
N ALA A 85 -9.32 4.69 -10.89
CA ALA A 85 -8.40 3.56 -11.00
C ALA A 85 -8.76 2.53 -9.94
N ILE A 86 -9.18 3.00 -8.78
CA ILE A 86 -9.64 2.12 -7.72
C ILE A 86 -10.72 1.21 -8.28
N LEU A 87 -11.69 1.81 -8.96
CA LEU A 87 -12.74 1.04 -9.62
C LEU A 87 -12.08 0.08 -10.58
N VAL A 88 -11.28 0.63 -11.51
CA VAL A 88 -10.53 -0.17 -12.47
C VAL A 88 -9.87 -1.31 -11.72
N GLY A 89 -9.26 -0.96 -10.59
CA GLY A 89 -8.59 -1.94 -9.75
C GLY A 89 -9.48 -3.10 -9.41
N GLN A 90 -10.56 -2.85 -8.68
CA GLN A 90 -11.43 -3.94 -8.23
C GLN A 90 -11.99 -4.68 -9.43
N GLY A 91 -11.98 -3.99 -10.58
CA GLY A 91 -12.46 -4.56 -11.82
C GLY A 91 -11.57 -5.70 -12.26
N VAL A 92 -10.27 -5.43 -12.31
CA VAL A 92 -9.29 -6.40 -12.79
C VAL A 92 -9.06 -7.53 -11.78
N LYS A 93 -8.93 -7.14 -10.51
CA LYS A 93 -8.81 -8.05 -9.38
C LYS A 93 -9.85 -9.17 -9.46
N SER A 94 -11.11 -8.80 -9.36
CA SER A 94 -12.20 -9.76 -9.43
C SER A 94 -12.24 -10.47 -10.78
N TRP A 95 -11.72 -9.83 -11.82
CA TRP A 95 -11.87 -10.38 -13.16
C TRP A 95 -11.00 -11.59 -13.37
N ILE A 96 -9.72 -11.46 -13.07
CA ILE A 96 -8.85 -12.61 -13.22
C ILE A 96 -8.32 -13.10 -11.87
N LYS A 97 -8.83 -14.25 -11.47
CA LYS A 97 -8.20 -15.12 -10.48
C LYS A 97 -8.00 -16.50 -11.12
N ASP A 98 -7.18 -16.55 -12.17
CA ASP A 98 -6.99 -17.74 -12.99
C ASP A 98 -5.50 -18.00 -13.04
N LYS A 99 -4.81 -16.98 -13.55
CA LYS A 99 -3.42 -17.07 -13.99
C LYS A 99 -2.42 -16.85 -12.86
N VAL A 100 -2.91 -16.82 -11.62
CA VAL A 100 -2.04 -16.63 -10.48
C VAL A 100 -1.18 -17.86 -10.23
N GLN A 101 -1.80 -18.90 -9.69
CA GLN A 101 -1.12 -20.17 -9.43
C GLN A 101 0.15 -20.05 -8.59
N GLU A 102 0.20 -19.06 -7.68
CA GLU A 102 1.43 -18.84 -6.91
C GLU A 102 1.14 -18.97 -5.42
N PRO A 103 2.07 -19.61 -4.69
CA PRO A 103 1.89 -19.80 -3.24
C PRO A 103 2.20 -18.55 -2.42
N ARG A 104 1.47 -18.38 -1.31
CA ARG A 104 1.78 -17.35 -0.34
C ARG A 104 2.78 -17.91 0.67
N PRO A 105 3.75 -17.09 1.08
CA PRO A 105 4.82 -17.58 1.96
C PRO A 105 4.37 -18.69 2.92
N PHE A 106 3.20 -18.55 3.53
CA PHE A 106 2.76 -19.56 4.51
C PHE A 106 2.38 -20.90 3.87
N VAL A 107 1.91 -20.86 2.63
CA VAL A 107 1.48 -22.06 1.93
C VAL A 107 2.62 -23.06 1.78
N ILE A 108 3.81 -22.57 1.48
CA ILE A 108 4.97 -23.44 1.35
C ILE A 108 5.26 -24.16 2.66
N TRP A 109 5.40 -23.38 3.72
CA TRP A 109 5.63 -23.93 5.04
C TRP A 109 4.52 -24.90 5.43
N LEU A 110 3.34 -24.68 4.88
CA LEU A 110 2.19 -25.51 5.18
C LEU A 110 2.28 -26.87 4.50
N GLU A 111 2.31 -26.86 3.17
CA GLU A 111 2.48 -28.06 2.37
C GLU A 111 3.68 -28.88 2.87
N LYS A 112 4.74 -28.19 3.29
CA LYS A 112 5.87 -28.87 3.92
C LYS A 112 5.42 -29.52 5.22
N THR A 113 5.05 -28.68 6.19
CA THR A 113 4.67 -29.16 7.52
C THR A 113 3.57 -30.23 7.49
N HIS A 114 2.69 -30.15 6.49
CA HIS A 114 1.56 -31.07 6.39
C HIS A 114 1.86 -32.28 5.50
N HIS A 115 3.13 -32.48 5.20
CA HIS A 115 3.57 -33.60 4.38
C HIS A 115 2.84 -33.61 3.04
N MSE A 116 3.16 -32.65 2.19
CA MSE A 116 2.61 -32.58 0.84
C MSE A 116 3.71 -32.46 -0.22
O MSE A 116 4.23 -31.37 -0.47
CB MSE A 116 1.63 -31.41 0.72
CG MSE A 116 0.24 -31.81 0.28
SE MSE A 116 0.26 -32.94 -1.32
CE MSE A 116 -1.59 -32.71 -1.88
N PRO A 117 4.05 -33.58 -0.84
CA PRO A 117 5.06 -33.62 -1.91
C PRO A 117 4.80 -32.47 -2.85
N VAL A 118 5.78 -31.60 -3.02
CA VAL A 118 5.60 -30.41 -3.83
C VAL A 118 5.30 -30.79 -5.27
N ASP A 119 6.01 -31.81 -5.75
CA ASP A 119 5.80 -32.35 -7.09
C ASP A 119 4.32 -32.71 -7.26
N LYS A 120 3.83 -33.51 -6.31
CA LYS A 120 2.42 -33.87 -6.27
C LYS A 120 1.55 -32.63 -6.01
N PHE A 121 2.06 -31.69 -5.21
CA PHE A 121 1.28 -30.51 -4.83
C PHE A 121 0.89 -29.70 -6.05
N TYR A 122 1.78 -29.62 -7.03
CA TYR A 122 1.48 -28.88 -8.24
C TYR A 122 1.02 -29.77 -9.38
N THR A 123 1.18 -31.07 -9.20
CA THR A 123 0.65 -32.04 -10.15
C THR A 123 -0.87 -32.08 -10.04
N LEU A 124 -1.41 -31.33 -9.08
CA LEU A 124 -2.85 -31.30 -8.88
C LEU A 124 -3.54 -29.99 -9.28
N LYS A 125 -4.31 -30.08 -10.37
CA LYS A 125 -5.35 -29.11 -10.73
C LYS A 125 -4.98 -27.64 -10.61
N ARG A 126 -5.90 -26.89 -10.03
CA ARG A 126 -5.76 -25.45 -9.85
C ARG A 126 -6.65 -25.01 -8.71
N ALA A 127 -7.97 -25.15 -8.88
CA ALA A 127 -8.92 -24.70 -7.87
C ALA A 127 -8.93 -25.67 -6.70
N GLU A 128 -8.73 -26.95 -7.00
CA GLU A 128 -8.64 -27.98 -5.99
C GLU A 128 -7.48 -27.72 -5.04
N ARG A 129 -6.38 -27.18 -5.57
CA ARG A 129 -5.23 -26.79 -4.75
C ARG A 129 -5.66 -25.76 -3.70
N GLY A 130 -6.39 -24.74 -4.15
CA GLY A 130 -6.87 -23.68 -3.28
C GLY A 130 -7.82 -24.20 -2.21
N ASN A 131 -8.78 -25.04 -2.61
CA ASN A 131 -9.69 -25.63 -1.64
C ASN A 131 -8.97 -26.54 -0.63
N LEU A 132 -7.89 -27.17 -1.07
CA LEU A 132 -7.06 -27.99 -0.20
C LEU A 132 -6.30 -27.14 0.80
N VAL A 133 -5.81 -25.98 0.36
CA VAL A 133 -5.16 -25.05 1.28
C VAL A 133 -6.17 -24.56 2.31
N LYS A 134 -7.38 -24.27 1.86
CA LYS A 134 -8.47 -23.91 2.77
C LYS A 134 -8.69 -24.99 3.83
N GLU A 135 -8.79 -26.24 3.38
CA GLU A 135 -9.01 -27.35 4.32
C GLU A 135 -7.84 -27.59 5.28
N GLN A 136 -6.61 -27.46 4.77
CA GLN A 136 -5.41 -27.59 5.59
C GLN A 136 -5.35 -26.48 6.64
N LEU A 137 -5.90 -25.32 6.29
CA LEU A 137 -6.01 -24.19 7.23
C LEU A 137 -7.07 -24.46 8.29
N ALA A 138 -8.14 -25.15 7.89
CA ALA A 138 -9.21 -25.51 8.82
C ALA A 138 -8.75 -26.43 9.95
N GLU A 139 -7.72 -27.22 9.70
CA GLU A 139 -7.26 -28.21 10.67
C GLU A 139 -5.85 -27.94 11.17
N PRO A 144 -2.48 -17.20 15.07
CA PRO A 144 -3.49 -17.85 15.89
C PRO A 144 -4.78 -18.07 15.10
N GLN A 145 -5.90 -18.17 15.80
CA GLN A 145 -7.19 -18.35 15.16
C GLN A 145 -7.53 -17.21 14.21
N TYR A 146 -7.47 -15.98 14.71
CA TYR A 146 -7.74 -14.80 13.88
C TYR A 146 -6.82 -14.76 12.66
N LEU A 147 -5.57 -15.18 12.85
CA LEU A 147 -4.58 -15.20 11.78
C LEU A 147 -5.01 -16.20 10.72
N ARG A 148 -5.55 -17.33 11.17
CA ARG A 148 -6.16 -18.29 10.27
C ARG A 148 -7.29 -17.60 9.52
N SER A 149 -8.12 -16.84 10.24
CA SER A 149 -9.25 -16.13 9.65
C SER A 149 -8.76 -15.26 8.50
N HIS A 150 -7.58 -14.67 8.70
CA HIS A 150 -6.99 -13.76 7.73
C HIS A 150 -6.42 -14.49 6.52
N TRP A 151 -5.75 -15.63 6.75
CA TRP A 151 -5.19 -16.43 5.65
C TRP A 151 -6.29 -17.00 4.77
N GLN A 152 -7.35 -17.50 5.41
CA GLN A 152 -8.55 -17.96 4.72
C GLN A 152 -9.16 -16.83 3.91
N LYS A 153 -9.48 -15.74 4.61
CA LYS A 153 -10.14 -14.58 4.01
C LYS A 153 -9.36 -14.03 2.83
N GLU A 154 -8.03 -14.03 2.94
CA GLU A 154 -7.18 -13.49 1.88
C GLU A 154 -7.16 -14.44 0.69
N THR A 155 -6.30 -15.46 0.75
CA THR A 155 -6.29 -16.56 -0.22
C THR A 155 -5.17 -17.53 0.05
N GLY A 156 -5.18 -18.62 -0.71
CA GLY A 156 -4.03 -19.50 -0.79
C GLY A 156 -3.02 -18.88 -1.73
N PHE A 157 -3.52 -18.43 -2.88
CA PHE A 157 -2.65 -17.86 -3.90
C PHE A 157 -2.30 -16.44 -3.53
N ALA A 158 -1.08 -16.02 -3.84
CA ALA A 158 -0.68 -14.63 -3.62
C ALA A 158 -1.07 -13.82 -4.84
N PHE A 159 -1.68 -12.68 -4.58
CA PHE A 159 -2.19 -11.80 -5.62
C PHE A 159 -1.36 -10.54 -5.46
N PRO A 160 -1.63 -9.50 -6.27
CA PRO A 160 -0.88 -8.27 -5.97
C PRO A 160 -1.21 -7.76 -4.58
N SER A 161 -0.37 -6.89 -4.04
CA SER A 161 -0.66 -6.35 -2.72
C SER A 161 -1.53 -5.09 -2.80
N GLY A 162 -2.80 -5.25 -2.46
CA GLY A 162 -3.69 -4.11 -2.35
C GLY A 162 -3.20 -3.19 -1.26
N HIS A 163 -2.93 -3.77 -0.09
CA HIS A 163 -2.46 -3.06 1.09
C HIS A 163 -1.28 -2.14 0.78
N THR A 164 -0.23 -2.73 0.24
CA THR A 164 0.93 -1.99 -0.21
C THR A 164 0.51 -0.88 -1.16
N MSE A 165 -0.28 -1.21 -2.17
CA MSE A 165 -0.65 -0.22 -3.19
C MSE A 165 -1.32 1.00 -2.59
O MSE A 165 -1.02 2.13 -2.98
CB MSE A 165 -1.53 -0.84 -4.25
CG MSE A 165 -0.71 -1.61 -5.26
SE MSE A 165 -1.77 -2.56 -6.56
CE MSE A 165 -2.86 -1.08 -7.19
N PHE A 166 -2.20 0.76 -1.64
CA PHE A 166 -2.97 1.82 -1.00
C PHE A 166 -2.10 2.69 -0.11
N ALA A 167 -1.43 2.06 0.85
CA ALA A 167 -0.56 2.79 1.75
C ALA A 167 0.49 3.58 0.96
N ALA A 168 1.06 2.94 -0.04
CA ALA A 168 2.13 3.53 -0.84
C ALA A 168 1.61 4.69 -1.68
N SER A 169 0.41 4.56 -2.21
CA SER A 169 -0.20 5.64 -2.98
C SER A 169 -0.46 6.84 -2.07
N TRP A 170 -0.97 6.58 -0.87
CA TRP A 170 -1.13 7.65 0.11
C TRP A 170 0.18 8.35 0.40
N ALA A 171 1.16 7.58 0.87
CA ALA A 171 2.49 8.11 1.17
C ALA A 171 3.06 8.92 0.01
N LEU A 172 2.95 8.36 -1.19
CA LEU A 172 3.49 8.98 -2.39
C LEU A 172 2.78 10.32 -2.61
N LEU A 173 1.46 10.30 -2.48
CA LEU A 173 0.68 11.52 -2.58
C LEU A 173 1.25 12.52 -1.58
N ALA A 174 1.43 12.07 -0.35
CA ALA A 174 1.91 12.93 0.73
C ALA A 174 3.24 13.60 0.37
N VAL A 175 4.29 12.82 0.18
CA VAL A 175 5.59 13.35 -0.23
C VAL A 175 5.50 14.21 -1.48
N GLY A 176 4.97 13.63 -2.55
CA GLY A 176 4.95 14.27 -3.85
C GLY A 176 4.22 15.59 -3.90
N LEU A 177 2.92 15.58 -3.64
CA LEU A 177 2.15 16.80 -3.83
C LEU A 177 2.13 17.75 -2.64
N LEU A 178 2.61 17.33 -1.46
CA LEU A 178 3.12 18.36 -0.56
C LEU A 178 4.48 18.04 0.06
N TRP A 179 5.46 18.78 -0.44
CA TRP A 179 6.70 19.11 0.25
C TRP A 179 6.55 20.47 0.95
N PRO A 180 5.83 21.42 0.34
CA PRO A 180 5.61 22.72 0.98
C PRO A 180 4.60 22.63 2.12
N ARG A 181 5.03 23.02 3.30
CA ARG A 181 4.51 22.39 4.50
C ARG A 181 3.07 22.68 4.85
N ARG A 182 2.32 21.60 4.90
CA ARG A 182 1.19 21.43 5.79
C ARG A 182 1.78 20.29 6.59
N ARG A 183 1.37 20.15 7.84
CA ARG A 183 2.10 19.35 8.84
C ARG A 183 2.96 18.24 8.27
N THR A 184 4.27 18.51 8.16
CA THR A 184 5.22 17.58 7.57
C THR A 184 5.23 16.25 8.33
N LEU A 185 4.68 16.30 9.54
CA LEU A 185 4.31 15.12 10.30
C LEU A 185 3.47 14.17 9.43
N THR A 186 2.62 14.73 8.58
CA THR A 186 1.81 13.92 7.68
C THR A 186 2.69 13.10 6.72
N ILE A 187 3.70 13.75 6.17
CA ILE A 187 4.62 13.06 5.27
C ILE A 187 5.38 11.96 5.98
N ALA A 188 6.06 12.32 7.07
CA ALA A 188 6.84 11.33 7.82
C ALA A 188 5.99 10.16 8.25
N ILE A 189 4.78 10.49 8.73
CA ILE A 189 3.85 9.49 9.25
C ILE A 189 3.33 8.57 8.17
N LEU A 190 2.94 9.12 7.02
CA LEU A 190 2.49 8.28 5.91
C LEU A 190 3.61 7.41 5.37
N LEU A 191 4.84 7.94 5.42
CA LEU A 191 6.01 7.18 4.98
C LEU A 191 6.27 5.99 5.88
N VAL A 192 6.37 6.24 7.19
CA VAL A 192 6.61 5.20 8.17
C VAL A 192 5.47 4.19 8.17
N TRP A 193 4.24 4.68 8.11
CA TRP A 193 3.04 3.82 8.09
C TRP A 193 3.05 2.89 6.89
N ALA A 194 3.26 3.45 5.69
CA ALA A 194 3.36 2.65 4.48
C ALA A 194 4.38 1.53 4.64
N THR A 195 5.59 1.91 5.06
CA THR A 195 6.63 0.92 5.30
C THR A 195 6.14 -0.13 6.29
N GLY A 196 5.38 0.31 7.29
CA GLY A 196 4.81 -0.56 8.31
C GLY A 196 3.81 -1.57 7.78
N VAL A 197 3.03 -1.17 6.78
CA VAL A 197 2.10 -2.08 6.11
C VAL A 197 2.85 -3.11 5.29
N MSE A 198 3.82 -2.65 4.50
CA MSE A 198 4.65 -3.59 3.74
C MSE A 198 5.33 -4.64 4.63
O MSE A 198 5.30 -5.85 4.35
CB MSE A 198 5.69 -2.80 2.95
CG MSE A 198 5.10 -1.59 2.26
SE MSE A 198 6.30 -0.81 0.97
CE MSE A 198 6.50 -2.34 -0.20
N GLY A 199 5.93 -4.15 5.71
CA GLY A 199 6.53 -5.00 6.71
C GLY A 199 5.49 -5.95 7.29
N SER A 200 4.29 -5.41 7.52
CA SER A 200 3.20 -6.20 8.08
C SER A 200 2.85 -7.37 7.17
N ARG A 201 2.87 -7.11 5.87
CA ARG A 201 2.61 -8.16 4.90
C ARG A 201 3.71 -9.21 4.96
N LEU A 202 4.97 -8.78 4.97
CA LEU A 202 6.09 -9.72 5.02
C LEU A 202 6.04 -10.64 6.24
N LEU A 203 5.95 -10.04 7.42
CA LEU A 203 5.93 -10.76 8.70
C LEU A 203 4.81 -11.78 8.81
N LEU A 204 3.70 -11.52 8.12
CA LEU A 204 2.50 -12.32 8.29
C LEU A 204 2.42 -13.45 7.29
N GLY A 205 3.50 -13.63 6.52
CA GLY A 205 3.56 -14.68 5.53
C GLY A 205 2.59 -14.44 4.39
N MSE A 206 2.25 -13.17 4.20
CA MSE A 206 1.30 -12.75 3.16
C MSE A 206 1.91 -12.55 1.78
O MSE A 206 1.29 -12.84 0.76
CB MSE A 206 0.55 -11.49 3.59
CG MSE A 206 -0.31 -11.70 4.84
SE MSE A 206 -1.20 -13.46 4.90
CE MSE A 206 -2.26 -13.33 3.27
N HIS A 207 3.13 -12.04 1.72
CA HIS A 207 3.68 -11.71 0.43
C HIS A 207 5.15 -12.01 0.33
N TRP A 208 5.60 -12.22 -0.90
CA TRP A 208 7.01 -12.29 -1.22
C TRP A 208 7.45 -10.85 -1.42
N PRO A 209 8.72 -10.55 -1.13
CA PRO A 209 9.24 -9.18 -1.24
C PRO A 209 9.13 -8.59 -2.65
N ARG A 210 9.28 -9.43 -3.68
CA ARG A 210 9.12 -8.99 -5.05
C ARG A 210 7.73 -8.39 -5.29
N ASP A 211 6.71 -9.02 -4.69
CA ASP A 211 5.33 -8.58 -4.80
C ASP A 211 5.16 -7.17 -4.24
N LEU A 212 5.82 -6.92 -3.12
CA LEU A 212 5.83 -5.62 -2.47
C LEU A 212 6.50 -4.57 -3.35
N VAL A 213 7.69 -4.91 -3.84
CA VAL A 213 8.36 -4.07 -4.82
C VAL A 213 7.41 -3.67 -5.96
N VAL A 214 6.73 -4.66 -6.52
CA VAL A 214 5.84 -4.43 -7.65
C VAL A 214 4.63 -3.58 -7.31
N ALA A 215 4.00 -3.81 -6.17
CA ALA A 215 2.87 -2.97 -5.77
C ALA A 215 3.31 -1.53 -5.53
N THR A 216 4.53 -1.36 -5.04
CA THR A 216 5.10 -0.04 -4.87
C THR A 216 5.31 0.66 -6.20
N LEU A 217 5.76 -0.11 -7.20
CA LEU A 217 5.92 0.41 -8.56
C LEU A 217 4.59 0.79 -9.18
N ILE A 218 3.62 -0.10 -9.07
CA ILE A 218 2.28 0.14 -9.59
C ILE A 218 1.73 1.39 -8.94
N SER A 219 1.82 1.43 -7.61
CA SER A 219 1.45 2.59 -6.80
C SER A 219 2.08 3.86 -7.38
N TRP A 220 3.37 3.77 -7.68
CA TRP A 220 4.10 4.88 -8.28
C TRP A 220 3.47 5.32 -9.59
N ALA A 221 3.28 4.37 -10.51
CA ALA A 221 2.78 4.70 -11.85
C ALA A 221 1.37 5.29 -11.77
N LEU A 222 0.54 4.68 -10.94
CA LEU A 222 -0.83 5.14 -10.73
C LEU A 222 -0.85 6.59 -10.25
N VAL A 223 -0.18 6.83 -9.13
CA VAL A 223 -0.08 8.18 -8.57
C VAL A 223 0.48 9.19 -9.58
N ALA A 224 1.51 8.79 -10.30
CA ALA A 224 2.12 9.64 -11.32
C ALA A 224 1.12 10.07 -12.40
N VAL A 225 0.59 9.07 -13.10
CA VAL A 225 -0.41 9.31 -14.15
C VAL A 225 -1.56 10.16 -13.62
N ALA A 226 -1.95 9.91 -12.39
CA ALA A 226 -3.04 10.65 -11.76
C ALA A 226 -2.71 12.11 -11.53
N THR A 227 -1.49 12.39 -11.06
CA THR A 227 -1.08 13.77 -10.84
C THR A 227 -0.97 14.51 -12.15
N TRP A 228 -0.28 13.92 -13.12
CA TRP A 228 -0.12 14.55 -14.42
C TRP A 228 -1.45 14.83 -15.10
N LEU A 229 -2.36 13.87 -15.05
CA LEU A 229 -3.65 14.03 -15.72
C LEU A 229 -4.57 15.00 -15.00
N ALA A 230 -4.64 14.91 -13.67
CA ALA A 230 -5.45 15.86 -12.92
C ALA A 230 -4.93 17.27 -13.11
N GLN A 231 -3.61 17.42 -13.23
CA GLN A 231 -3.00 18.72 -13.44
C GLN A 231 -3.17 19.22 -14.87
N ARG A 232 -3.24 18.28 -15.82
CA ARG A 232 -3.45 18.61 -17.21
C ARG A 232 -4.72 19.43 -17.34
N ILE A 233 -5.82 18.91 -16.81
CA ILE A 233 -7.08 19.63 -16.71
C ILE A 233 -7.76 19.48 -15.34
N CYS A 234 -7.87 20.56 -14.57
CA CYS A 234 -7.22 21.81 -14.88
C CYS A 234 -6.59 22.38 -13.61
N GLY A 235 -5.35 22.87 -13.76
CA GLY A 235 -4.64 23.64 -12.76
C GLY A 235 -3.82 22.72 -11.89
N PRO A 236 -2.57 23.09 -11.59
CA PRO A 236 -1.74 22.27 -10.70
C PRO A 236 -1.60 22.79 -9.26
N LEU A 237 -0.99 22.01 -8.38
CA LEU A 237 -0.42 22.46 -7.11
C LEU A 237 0.91 21.74 -7.05
N THR A 238 2.08 22.38 -7.08
CA THR A 238 2.39 23.81 -7.14
C THR A 238 2.05 24.60 -5.89
N PRO A 239 2.80 25.68 -5.65
CA PRO A 239 2.27 26.54 -4.59
C PRO A 239 1.06 27.26 -5.15
N PRO A 240 -0.01 27.34 -4.36
CA PRO A 240 -1.21 28.04 -4.82
C PRO A 240 -0.92 29.48 -5.19
N GLU A 242 -0.36 32.49 -3.63
CA GLU A 242 -1.10 33.10 -2.55
C GLU A 242 -0.90 32.32 -1.28
N GLU A 243 -0.89 30.99 -1.40
CA GLU A 243 -0.52 30.19 -0.26
C GLU A 243 0.99 30.18 -0.06
N ASN A 244 1.77 30.63 -1.03
CA ASN A 244 3.17 30.89 -0.73
C ASN A 244 3.26 31.91 0.42
N ARG A 245 2.45 32.96 0.34
CA ARG A 245 2.44 34.01 1.35
C ARG A 245 1.83 33.53 2.67
N GLU A 246 0.87 32.61 2.58
CA GLU A 246 0.16 32.11 3.77
C GLU A 246 1.01 31.08 4.52
N ILE A 247 1.73 30.27 3.76
CA ILE A 247 2.63 29.26 4.30
C ILE A 247 3.87 29.95 4.86
N ALA A 248 4.26 31.03 4.21
CA ALA A 248 5.33 31.87 4.75
C ALA A 248 4.86 32.57 6.03
N GLN A 249 3.57 32.90 6.09
CA GLN A 249 2.99 33.54 7.27
C GLN A 249 2.91 32.57 8.44
N ARG A 250 2.71 31.28 8.13
CA ARG A 250 2.75 30.23 9.13
C ARG A 250 4.20 29.88 9.49
N GLU A 251 5.13 30.19 8.59
CA GLU A 251 6.55 29.92 8.79
C GLU A 251 7.20 30.94 9.72
N GLN A 252 6.83 32.20 9.57
CA GLN A 252 7.39 33.27 10.38
C GLN A 252 6.73 33.34 11.76
N GLU A 253 5.66 32.56 11.92
CA GLU A 253 4.98 32.46 13.21
C GLU A 253 5.77 31.53 14.12
N SER A 254 6.65 30.74 13.51
CA SER A 254 7.54 29.83 14.24
C SER A 254 8.43 30.62 15.20
N LEU A 255 9.10 31.64 14.69
CA LEU A 255 9.80 32.58 15.56
C LEU A 255 8.96 33.84 15.69
N GLU A 256 8.31 33.95 16.84
CA GLU A 256 7.29 34.95 17.12
C GLU A 256 7.44 35.58 18.50
N HIS A 257 7.35 34.68 19.47
CA HIS A 257 6.93 34.89 20.85
C HIS A 257 7.09 36.31 21.34
N HIS A 258 8.31 36.81 21.23
CA HIS A 258 8.67 38.07 21.86
C HIS A 258 7.44 38.94 22.16
N1 LDA B . -5.34 6.37 -2.75
O1 LDA B . -5.58 6.46 -1.53
CM1 LDA B . -4.32 7.35 -3.13
CM2 LDA B . -6.61 6.66 -3.46
C1 LDA B . -4.89 5.00 -3.03
C2 LDA B . -4.89 4.77 -4.54
C3 LDA B . -4.50 3.34 -4.92
C4 LDA B . -5.64 2.68 -5.69
C5 LDA B . -5.26 1.35 -6.35
C6 LDA B . -6.14 0.22 -5.81
C7 LDA B . -6.43 -0.88 -6.83
C8 LDA B . -7.60 -1.75 -6.37
C9 LDA B . -7.34 -2.43 -5.02
C10 LDA B . -7.80 -3.88 -4.98
C11 LDA B . -7.69 -4.44 -3.57
C12 LDA B . -6.93 -5.77 -3.56
C1 GOL C . -8.06 -4.74 0.12
O1 GOL C . -7.44 -5.88 -0.44
C2 GOL C . -9.24 -5.15 1.01
O2 GOL C . -10.41 -4.48 0.62
C3 GOL C . -9.46 -6.66 1.00
O3 GOL C . -10.52 -6.99 1.87
#